data_9CD5
#
_entry.id   9CD5
#
_cell.length_a   206.030
_cell.length_b   57.614
_cell.length_c   65.694
_cell.angle_alpha   90.000
_cell.angle_beta   107.185
_cell.angle_gamma   90.000
#
_symmetry.space_group_name_H-M   'C 1 2 1'
#
loop_
_entity.id
_entity.type
_entity.pdbx_description
1 polymer 'Fibroblast growth factor receptor 1'
2 non-polymer 1,2-ETHANEDIOL
3 non-polymer (3P)-5-[(1R)-1-(3,5-dichloropyridin-4-yl)ethoxy]-3-{6-[6-(methanesulfonyl)-2,6-diazaspiro[3.3]heptan-2-yl]pyridin-3-yl}-1H-indazole
4 non-polymer 'SULFATE ION'
5 water water
#
_entity_poly.entity_id   1
_entity_poly.type   'polypeptide(L)'
_entity_poly.pdbx_seq_one_letter_code
;AGVSEYELPEDPRWELPRDRLVLGKPLGEGAFGQVVLAEAIGLDKDKPNRVTKVAVKMLKSDATEKDLSDLISEMEMMKM
IGKHKNIINLLGACTQDGPLYVIVEYASKGNLREYLQARRPPGLEYSYNPSHNPEEQLSSKDLVSCAYQVARGMEYLASK
KCIHRDLAARNVLVTEDNVMKIADFGLARDIHHIDYYKKTTNGRLPVKWMAPEALFDRIYTHQSDVWSFGVLLWEIFTLG
GSPYPGVPVEELFKLLKEGHRMDKPSNCTNELYMMMRDCWHAVPSQRPTFKQLVEDLDRIVALTSNQE
;
_entity_poly.pdbx_strand_id   A,B
#
# COMPACT_ATOMS: atom_id res chain seq x y z
N LEU A 8 -22.74 -11.30 37.99
CA LEU A 8 -21.29 -10.94 37.92
C LEU A 8 -21.03 -9.68 38.74
N PRO A 9 -19.90 -9.58 39.47
CA PRO A 9 -19.51 -8.32 40.10
C PRO A 9 -19.27 -7.27 39.03
N GLU A 10 -19.60 -6.01 39.34
CA GLU A 10 -19.23 -4.89 38.48
C GLU A 10 -17.79 -4.48 38.79
N ASP A 11 -17.13 -3.95 37.76
CA ASP A 11 -15.81 -3.36 37.86
C ASP A 11 -15.87 -1.99 37.20
N PRO A 12 -16.18 -0.90 37.96
CA PRO A 12 -16.44 0.41 37.37
C PRO A 12 -15.42 0.90 36.35
N ARG A 13 -14.15 0.54 36.54
CA ARG A 13 -13.07 0.88 35.62
C ARG A 13 -13.49 0.62 34.17
N TRP A 14 -14.06 -0.56 33.91
CA TRP A 14 -14.26 -1.08 32.57
C TRP A 14 -15.71 -1.06 32.15
N GLU A 15 -16.66 -0.78 33.06
CA GLU A 15 -18.06 -1.00 32.78
C GLU A 15 -18.58 0.04 31.78
N LEU A 16 -19.47 -0.40 30.88
CA LEU A 16 -20.13 0.47 29.93
C LEU A 16 -21.63 0.21 29.99
N PRO A 17 -22.48 1.24 30.23
CA PRO A 17 -23.93 1.06 30.11
C PRO A 17 -24.33 0.54 28.75
N ARG A 18 -25.36 -0.32 28.72
CA ARG A 18 -25.75 -1.05 27.52
C ARG A 18 -26.35 -0.10 26.48
N ASP A 19 -26.95 1.00 26.94
CA ASP A 19 -27.58 1.97 26.06
C ASP A 19 -26.51 2.75 25.30
N ARG A 20 -25.24 2.55 25.63
CA ARG A 20 -24.14 3.20 24.95
C ARG A 20 -23.46 2.25 23.95
N LEU A 21 -24.14 1.15 23.60
CA LEU A 21 -23.56 0.14 22.71
C LEU A 21 -24.58 -0.28 21.67
N VAL A 22 -24.34 0.11 20.41
CA VAL A 22 -25.22 -0.19 19.29
C VAL A 22 -24.63 -1.35 18.49
N LEU A 23 -25.30 -2.51 18.56
CA LEU A 23 -24.77 -3.74 17.99
C LEU A 23 -24.97 -3.71 16.47
N GLY A 24 -24.01 -4.28 15.75
CA GLY A 24 -24.03 -4.34 14.29
C GLY A 24 -23.99 -5.77 13.80
N LYS A 25 -23.38 -5.98 12.62
CA LYS A 25 -23.41 -7.26 11.93
C LYS A 25 -22.37 -8.19 12.55
N PRO A 26 -22.57 -9.53 12.51
CA PRO A 26 -21.60 -10.48 13.07
C PRO A 26 -20.29 -10.49 12.27
N LEU A 27 -19.17 -10.62 12.98
CA LEU A 27 -17.85 -10.68 12.35
C LEU A 27 -17.42 -12.14 12.22
N GLY A 28 -17.56 -12.91 13.31
CA GLY A 28 -17.29 -14.34 13.31
C GLY A 28 -18.14 -15.05 14.36
N GLU A 29 -18.43 -16.33 14.10
CA GLU A 29 -19.29 -17.15 14.96
C GLU A 29 -18.44 -18.19 15.70
N GLY A 30 -19.09 -19.17 16.33
CA GLY A 30 -18.38 -20.27 16.98
C GLY A 30 -19.32 -21.42 17.32
N ALA A 31 -20.24 -21.17 18.26
CA ALA A 31 -21.16 -22.20 18.75
C ALA A 31 -20.37 -23.27 19.52
N GLY A 33 -19.52 -18.92 21.73
CA GLY A 33 -18.70 -17.69 21.62
C GLY A 33 -18.74 -17.12 20.20
N GLN A 34 -19.22 -15.88 20.07
CA GLN A 34 -19.29 -15.20 18.78
C GLN A 34 -18.88 -13.74 18.93
N VAL A 35 -18.59 -13.11 17.78
CA VAL A 35 -18.07 -11.75 17.75
C VAL A 35 -18.95 -10.92 16.82
N VAL A 36 -19.17 -9.65 17.19
CA VAL A 36 -20.09 -8.78 16.47
C VAL A 36 -19.48 -7.37 16.38
N LEU A 37 -19.64 -6.74 15.21
CA LEU A 37 -19.31 -5.33 15.02
C LEU A 37 -20.33 -4.49 15.78
N ALA A 38 -19.85 -3.45 16.48
CA ALA A 38 -20.73 -2.56 17.21
C ALA A 38 -20.14 -1.14 17.26
N GLU A 39 -20.94 -0.21 17.76
CA GLU A 39 -20.52 1.17 17.95
C GLU A 39 -20.75 1.56 19.41
N ALA A 40 -19.68 2.02 20.07
CA ALA A 40 -19.74 2.46 21.46
C ALA A 40 -19.80 3.98 21.53
N ILE A 41 -20.80 4.51 22.24
CA ILE A 41 -20.95 5.94 22.42
C ILE A 41 -20.28 6.33 23.73
N GLY A 42 -19.23 7.15 23.64
CA GLY A 42 -18.50 7.61 24.82
C GLY A 42 -17.83 6.44 25.55
N LEU A 43 -16.89 5.78 24.84
CA LEU A 43 -16.24 4.59 25.36
C LEU A 43 -15.43 4.97 26.61
N ASP A 44 -14.73 6.10 26.54
CA ASP A 44 -14.15 6.73 27.71
C ASP A 44 -15.02 7.93 28.10
N LYS A 45 -15.13 8.18 29.41
CA LYS A 45 -16.08 9.15 29.94
C LYS A 45 -15.60 10.56 29.64
N ASP A 46 -14.29 10.72 29.39
CA ASP A 46 -13.71 12.01 29.05
C ASP A 46 -14.14 12.44 27.65
N LYS A 47 -14.37 11.48 26.75
CA LYS A 47 -14.82 11.76 25.40
C LYS A 47 -16.20 11.12 25.18
N PRO A 48 -17.28 11.68 25.77
CA PRO A 48 -18.59 11.01 25.81
C PRO A 48 -19.49 11.07 24.57
N ASN A 49 -19.21 12.00 23.64
CA ASN A 49 -20.01 12.13 22.43
C ASN A 49 -19.32 11.48 21.22
N ARG A 50 -18.22 10.77 21.47
CA ARG A 50 -17.50 10.08 20.41
C ARG A 50 -18.15 8.72 20.17
N VAL A 51 -18.30 8.35 18.89
CA VAL A 51 -18.63 6.97 18.55
C VAL A 51 -17.34 6.25 18.14
N THR A 52 -17.16 5.03 18.66
CA THR A 52 -16.04 4.19 18.28
C THR A 52 -16.57 2.86 17.75
N LYS A 53 -16.08 2.47 16.56
CA LYS A 53 -16.31 1.14 16.04
C LYS A 53 -15.52 0.14 16.91
N VAL A 54 -16.22 -0.89 17.39
CA VAL A 54 -15.62 -1.89 18.27
C VAL A 54 -16.08 -3.28 17.85
N ALA A 55 -15.40 -4.30 18.39
CA ALA A 55 -15.83 -5.68 18.28
C ALA A 55 -16.28 -6.16 19.65
N VAL A 56 -17.44 -6.83 19.70
CA VAL A 56 -18.04 -7.29 20.93
C VAL A 56 -18.06 -8.81 20.93
N LYS A 57 -17.41 -9.43 21.93
CA LYS A 57 -17.44 -10.87 22.09
C LYS A 57 -18.53 -11.24 23.10
N MET A 58 -19.31 -12.27 22.77
CA MET A 58 -20.47 -12.66 23.55
C MET A 58 -20.77 -14.13 23.33
N LEU A 59 -21.63 -14.71 24.17
CA LEU A 59 -21.99 -16.12 24.09
C LEU A 59 -23.06 -16.31 23.02
N LYS A 60 -23.24 -17.57 22.58
CA LYS A 60 -24.30 -17.93 21.66
C LYS A 60 -25.38 -18.67 22.44
N SER A 61 -26.48 -19.03 21.76
CA SER A 61 -27.72 -19.43 22.42
C SER A 61 -27.50 -20.58 23.39
N ASP A 62 -26.80 -21.63 22.92
CA ASP A 62 -26.60 -22.84 23.70
C ASP A 62 -25.17 -22.87 24.21
N ALA A 63 -24.79 -21.84 24.96
CA ALA A 63 -23.51 -21.80 25.65
C ALA A 63 -23.64 -22.47 27.01
N THR A 64 -22.56 -23.11 27.47
CA THR A 64 -22.54 -23.74 28.78
C THR A 64 -22.20 -22.71 29.85
N GLU A 65 -22.28 -23.14 31.11
CA GLU A 65 -21.89 -22.29 32.23
C GLU A 65 -20.37 -22.12 32.22
N LYS A 66 -19.68 -23.18 31.79
CA LYS A 66 -18.23 -23.17 31.67
C LYS A 66 -17.83 -22.31 30.47
N ASP A 67 -18.67 -22.18 29.43
CA ASP A 67 -18.38 -21.29 28.33
C ASP A 67 -18.34 -19.84 28.82
N LEU A 68 -19.28 -19.49 29.69
CA LEU A 68 -19.31 -18.18 30.35
C LEU A 68 -18.01 -17.98 31.12
N SER A 69 -17.64 -18.96 31.95
CA SER A 69 -16.43 -18.92 32.75
C SER A 69 -15.22 -18.57 31.87
N ASP A 70 -15.13 -19.22 30.70
CA ASP A 70 -14.03 -19.03 29.77
C ASP A 70 -13.98 -17.59 29.29
N LEU A 71 -15.15 -17.03 28.94
CA LEU A 71 -15.22 -15.68 28.40
C LEU A 71 -14.80 -14.68 29.47
N ILE A 72 -15.27 -14.90 30.71
CA ILE A 72 -14.89 -14.08 31.85
C ILE A 72 -13.37 -14.14 32.03
N SER A 73 -12.83 -15.35 32.04
CA SER A 73 -11.42 -15.56 32.27
C SER A 73 -10.60 -14.86 31.19
N GLU A 74 -11.10 -14.85 29.95
CA GLU A 74 -10.45 -14.16 28.84
C GLU A 74 -10.42 -12.66 29.14
N MET A 75 -11.54 -12.12 29.64
CA MET A 75 -11.65 -10.70 29.93
C MET A 75 -10.68 -10.30 31.04
N GLU A 76 -10.60 -11.13 32.09
CA GLU A 76 -9.76 -10.84 33.24
C GLU A 76 -8.28 -10.93 32.84
N MET A 77 -7.97 -11.91 31.97
CA MET A 77 -6.63 -12.10 31.46
C MET A 77 -6.15 -10.83 30.76
N MET A 78 -7.04 -10.21 29.98
CA MET A 78 -6.70 -9.04 29.18
C MET A 78 -6.39 -7.87 30.11
N LYS A 79 -7.21 -7.70 31.16
CA LYS A 79 -6.97 -6.68 32.17
C LYS A 79 -5.57 -6.85 32.75
N MET A 80 -5.19 -8.10 33.08
CA MET A 80 -3.91 -8.41 33.67
C MET A 80 -2.76 -8.01 32.73
N ILE A 81 -2.94 -8.30 31.43
CA ILE A 81 -1.85 -8.21 30.47
C ILE A 81 -1.53 -6.76 30.14
N GLY A 82 -2.57 -5.93 30.01
CA GLY A 82 -2.40 -4.50 29.82
C GLY A 82 -2.41 -4.10 28.35
N LYS A 83 -2.24 -2.79 28.11
CA LYS A 83 -2.34 -2.21 26.77
C LYS A 83 -1.05 -2.44 26.01
N HIS A 84 -1.18 -2.68 24.69
CA HIS A 84 -0.07 -2.57 23.76
C HIS A 84 -0.63 -2.33 22.36
N LYS A 85 0.13 -1.58 21.55
CA LYS A 85 -0.31 -1.19 20.22
C LYS A 85 -0.55 -2.42 19.35
N ASN A 86 0.30 -3.44 19.49
CA ASN A 86 0.31 -4.58 18.58
C ASN A 86 -0.40 -5.78 19.19
N ILE A 87 -1.37 -5.53 20.08
CA ILE A 87 -2.32 -6.54 20.51
C ILE A 87 -3.73 -5.97 20.39
N ILE A 88 -4.73 -6.84 20.43
CA ILE A 88 -6.12 -6.44 20.52
C ILE A 88 -6.42 -6.12 21.99
N ASN A 89 -6.63 -4.83 22.28
CA ASN A 89 -6.78 -4.37 23.65
C ASN A 89 -8.25 -4.45 24.06
N LEU A 90 -8.47 -4.65 25.37
CA LEU A 90 -9.78 -4.53 25.97
C LEU A 90 -10.14 -3.05 26.04
N LEU A 91 -11.38 -2.71 25.70
CA LEU A 91 -11.86 -1.34 25.73
C LEU A 91 -12.92 -1.17 26.82
N GLY A 92 -13.77 -2.18 27.00
CA GLY A 92 -14.77 -2.15 28.05
C GLY A 92 -15.58 -3.44 28.10
N ALA A 93 -16.59 -3.48 28.98
CA ALA A 93 -17.45 -4.63 29.13
C ALA A 93 -18.81 -4.22 29.70
N CYS A 94 -19.85 -4.97 29.30
CA CYS A 94 -21.17 -4.89 29.90
C CYS A 94 -21.45 -6.19 30.67
N THR A 95 -21.47 -6.09 32.00
CA THR A 95 -21.54 -7.26 32.88
C THR A 95 -22.82 -7.26 33.70
N GLN A 96 -23.64 -6.21 33.58
CA GLN A 96 -24.76 -6.01 34.49
C GLN A 96 -26.09 -6.01 33.73
N ASP A 97 -27.10 -6.64 34.33
CA ASP A 97 -28.47 -6.55 33.87
C ASP A 97 -28.56 -6.89 32.38
N GLY A 98 -28.02 -8.06 32.01
CA GLY A 98 -28.02 -8.51 30.64
C GLY A 98 -26.82 -9.41 30.34
N PRO A 99 -26.74 -9.98 29.12
CA PRO A 99 -25.63 -10.88 28.78
C PRO A 99 -24.27 -10.18 28.77
N LEU A 100 -23.22 -10.98 28.94
CA LEU A 100 -21.86 -10.45 29.06
C LEU A 100 -21.36 -10.03 27.68
N TYR A 101 -21.03 -8.73 27.55
CA TYR A 101 -20.38 -8.21 26.37
C TYR A 101 -18.95 -7.80 26.73
N VAL A 102 -17.98 -8.29 25.95
CA VAL A 102 -16.59 -7.95 26.13
C VAL A 102 -16.13 -7.16 24.91
N ILE A 103 -15.86 -5.86 25.11
CA ILE A 103 -15.65 -4.92 24.03
C ILE A 103 -14.14 -4.79 23.80
N VAL A 104 -13.71 -5.14 22.59
CA VAL A 104 -12.30 -5.07 22.21
C VAL A 104 -12.16 -4.16 21.00
N GLU A 105 -10.91 -3.89 20.61
CA GLU A 105 -10.62 -3.01 19.49
C GLU A 105 -11.08 -3.66 18.19
N TYR A 106 -11.55 -2.81 17.26
CA TYR A 106 -12.02 -3.24 15.95
C TYR A 106 -10.88 -3.11 14.95
N ALA A 107 -10.75 -4.13 14.10
CA ALA A 107 -9.70 -4.18 13.08
C ALA A 107 -10.36 -4.27 11.71
N SER A 108 -10.39 -3.14 10.99
CA SER A 108 -11.26 -2.96 9.84
C SER A 108 -10.88 -3.88 8.67
N LYS A 109 -9.60 -4.25 8.58
CA LYS A 109 -9.08 -4.93 7.40
C LYS A 109 -8.93 -6.43 7.63
N GLY A 110 -9.54 -6.95 8.70
CA GLY A 110 -9.60 -8.38 8.94
C GLY A 110 -8.27 -8.94 9.43
N ASN A 111 -8.13 -10.27 9.35
CA ASN A 111 -6.92 -10.94 9.82
C ASN A 111 -5.83 -10.83 8.75
N LEU A 112 -4.61 -11.18 9.15
CA LEU A 112 -3.43 -10.95 8.32
C LEU A 112 -3.44 -11.86 7.10
N ARG A 113 -3.96 -13.08 7.25
CA ARG A 113 -4.03 -14.02 6.14
C ARG A 113 -4.89 -13.42 5.02
N GLU A 114 -6.06 -12.90 5.40
CA GLU A 114 -6.99 -12.28 4.46
C GLU A 114 -6.37 -11.04 3.85
N TYR A 115 -5.73 -10.23 4.70
CA TYR A 115 -5.12 -8.96 4.29
C TYR A 115 -4.07 -9.20 3.21
N LEU A 116 -3.22 -10.22 3.44
CA LEU A 116 -2.12 -10.53 2.52
C LEU A 116 -2.67 -11.04 1.20
N GLN A 117 -3.60 -12.00 1.27
CA GLN A 117 -4.17 -12.62 0.09
C GLN A 117 -4.87 -11.59 -0.79
N ALA A 118 -5.51 -10.61 -0.16
CA ALA A 118 -6.25 -9.57 -0.88
C ALA A 118 -5.31 -8.60 -1.60
N ARG A 119 -4.02 -8.64 -1.28
CA ARG A 119 -3.06 -7.69 -1.83
C ARG A 119 -1.99 -8.41 -2.66
N ARG A 120 -2.33 -9.61 -3.16
CA ARG A 120 -1.47 -10.33 -4.07
C ARG A 120 -1.54 -9.70 -5.45
N PRO A 121 -0.45 -9.72 -6.25
CA PRO A 121 -0.49 -9.19 -7.61
C PRO A 121 -1.53 -9.90 -8.45
N PRO A 122 -1.97 -9.32 -9.58
CA PRO A 122 -2.92 -9.98 -10.47
C PRO A 122 -2.38 -11.29 -11.04
N GLY A 123 -3.26 -12.06 -11.71
CA GLY A 123 -2.90 -13.36 -12.24
C GLY A 123 -3.95 -13.86 -13.23
N GLU A 136 -3.26 -2.21 -1.51
CA GLU A 136 -3.37 -2.74 -2.89
C GLU A 136 -2.11 -3.51 -3.26
N GLN A 137 -0.95 -2.84 -3.15
CA GLN A 137 0.33 -3.51 -3.36
C GLN A 137 1.21 -3.31 -2.13
N LEU A 138 1.66 -4.43 -1.55
CA LEU A 138 2.53 -4.40 -0.38
C LEU A 138 3.97 -4.46 -0.84
N SER A 139 4.78 -3.49 -0.40
CA SER A 139 6.21 -3.47 -0.69
C SER A 139 6.92 -4.52 0.16
N SER A 140 8.19 -4.78 -0.15
CA SER A 140 9.02 -5.66 0.64
C SER A 140 9.09 -5.14 2.08
N LYS A 141 9.19 -3.83 2.23
CA LYS A 141 9.28 -3.20 3.54
C LYS A 141 8.00 -3.46 4.31
N ASP A 142 6.85 -3.35 3.63
CA ASP A 142 5.55 -3.60 4.24
C ASP A 142 5.52 -5.00 4.85
N LEU A 143 5.99 -5.98 4.09
CA LEU A 143 6.00 -7.37 4.55
C LEU A 143 6.87 -7.51 5.79
N VAL A 144 8.08 -6.95 5.76
CA VAL A 144 9.00 -7.05 6.89
C VAL A 144 8.41 -6.29 8.07
N SER A 145 7.88 -5.08 7.79
CA SER A 145 7.23 -4.25 8.78
C SER A 145 6.12 -5.03 9.50
N CYS A 146 5.35 -5.83 8.73
N CYS A 146 5.36 -5.83 8.74
CA CYS A 146 4.30 -6.66 9.28
CA CYS A 146 4.30 -6.66 9.28
C CYS A 146 4.87 -7.63 10.32
C CYS A 146 4.87 -7.63 10.32
N ALA A 147 5.99 -8.28 9.99
CA ALA A 147 6.64 -9.24 10.86
C ALA A 147 7.18 -8.57 12.12
N TYR A 148 7.72 -7.35 11.97
CA TYR A 148 8.24 -6.60 13.10
C TYR A 148 7.14 -6.36 14.13
N GLN A 149 6.01 -5.80 13.68
CA GLN A 149 4.90 -5.46 14.56
C GLN A 149 4.39 -6.69 15.31
N VAL A 150 4.28 -7.83 14.60
CA VAL A 150 3.80 -9.06 15.20
C VAL A 150 4.80 -9.51 16.26
N ALA A 151 6.10 -9.39 15.97
CA ALA A 151 7.15 -9.76 16.91
C ALA A 151 7.09 -8.84 18.13
N ARG A 152 6.89 -7.54 17.89
CA ARG A 152 6.81 -6.56 18.96
C ARG A 152 5.63 -6.88 19.87
N GLY A 153 4.51 -7.30 19.27
CA GLY A 153 3.31 -7.69 20.00
C GLY A 153 3.54 -8.92 20.87
N MET A 154 4.26 -9.92 20.31
CA MET A 154 4.50 -11.17 21.01
C MET A 154 5.51 -10.96 22.15
N GLU A 155 6.45 -10.02 21.96
CA GLU A 155 7.44 -9.71 22.97
C GLU A 155 6.76 -9.16 24.21
N TYR A 156 5.74 -8.31 24.01
CA TYR A 156 5.00 -7.70 25.10
C TYR A 156 4.26 -8.80 25.86
N LEU A 157 3.49 -9.61 25.13
CA LEU A 157 2.76 -10.72 25.72
C LEU A 157 3.72 -11.63 26.49
N ALA A 158 4.86 -11.95 25.86
CA ALA A 158 5.84 -12.83 26.46
C ALA A 158 6.39 -12.22 27.74
N SER A 159 6.60 -10.89 27.74
CA SER A 159 7.07 -10.18 28.91
C SER A 159 6.04 -10.22 30.03
N LYS A 160 4.76 -10.45 29.68
CA LYS A 160 3.69 -10.58 30.66
C LYS A 160 3.34 -12.06 30.88
N LYS A 161 4.28 -12.96 30.56
CA LYS A 161 4.17 -14.38 30.85
C LYS A 161 2.95 -14.99 30.14
N CYS A 162 2.60 -14.44 28.97
CA CYS A 162 1.45 -14.90 28.21
C CYS A 162 1.92 -15.76 27.04
N ILE A 163 1.46 -17.01 27.01
CA ILE A 163 1.77 -17.95 25.95
C ILE A 163 0.54 -18.10 25.07
N HIS A 164 0.68 -17.79 23.78
CA HIS A 164 -0.44 -17.71 22.86
C HIS A 164 -1.00 -19.10 22.60
N ARG A 165 -0.15 -20.00 22.07
CA ARG A 165 -0.45 -21.41 21.87
C ARG A 165 -1.01 -21.68 20.47
N ASP A 166 -1.44 -20.63 19.75
CA ASP A 166 -1.83 -20.77 18.36
C ASP A 166 -1.58 -19.47 17.61
N LEU A 167 -0.34 -18.99 17.67
CA LEU A 167 0.08 -17.82 16.93
C LEU A 167 0.09 -18.17 15.44
N ALA A 168 -0.70 -17.44 14.65
CA ALA A 168 -0.80 -17.64 13.22
C ALA A 168 -1.34 -16.36 12.57
N ALA A 169 -1.27 -16.29 11.24
CA ALA A 169 -1.74 -15.13 10.51
C ALA A 169 -3.23 -14.93 10.76
N ARG A 170 -3.97 -16.04 10.92
CA ARG A 170 -5.41 -15.98 11.13
C ARG A 170 -5.73 -15.26 12.45
N ASN A 171 -4.81 -15.30 13.42
CA ASN A 171 -5.01 -14.70 14.73
C ASN A 171 -4.22 -13.40 14.89
N VAL A 172 -3.77 -12.83 13.77
CA VAL A 172 -3.31 -11.45 13.73
C VAL A 172 -4.36 -10.65 12.97
N LEU A 173 -4.81 -9.53 13.55
CA LEU A 173 -5.77 -8.65 12.89
C LEU A 173 -5.06 -7.38 12.43
N VAL A 174 -5.68 -6.66 11.50
CA VAL A 174 -5.10 -5.49 10.86
C VAL A 174 -6.10 -4.34 10.88
N THR A 175 -5.68 -3.18 11.39
CA THR A 175 -6.57 -2.05 11.61
C THR A 175 -6.65 -1.21 10.34
N GLU A 176 -7.41 -0.10 10.40
CA GLU A 176 -7.57 0.82 9.29
C GLU A 176 -6.22 1.46 8.94
N ASP A 177 -5.33 1.57 9.94
CA ASP A 177 -4.02 2.18 9.75
C ASP A 177 -2.94 1.12 9.62
N ASN A 178 -3.33 -0.09 9.16
CA ASN A 178 -2.41 -1.17 8.86
C ASN A 178 -1.53 -1.50 10.07
N VAL A 179 -2.11 -1.44 11.27
CA VAL A 179 -1.42 -1.85 12.48
C VAL A 179 -1.73 -3.32 12.73
N MET A 180 -0.69 -4.13 12.93
CA MET A 180 -0.86 -5.53 13.28
C MET A 180 -1.26 -5.62 14.75
N LYS A 181 -2.34 -6.36 15.05
CA LYS A 181 -2.77 -6.61 16.40
C LYS A 181 -3.02 -8.10 16.59
N ILE A 182 -2.35 -8.70 17.58
CA ILE A 182 -2.50 -10.11 17.90
C ILE A 182 -3.81 -10.33 18.65
N ALA A 183 -4.53 -11.40 18.26
CA ALA A 183 -5.83 -11.73 18.83
C ALA A 183 -5.78 -13.10 19.49
N ASP A 184 -6.86 -13.43 20.21
CA ASP A 184 -7.03 -14.68 20.92
C ASP A 184 -5.75 -15.09 21.65
N PHE A 185 -5.16 -14.15 22.41
CA PHE A 185 -3.96 -14.42 23.18
C PHE A 185 -4.34 -14.82 24.60
N GLY A 186 -5.58 -14.49 25.02
CA GLY A 186 -5.98 -14.61 26.41
C GLY A 186 -6.97 -15.76 26.65
N LEU A 187 -7.01 -16.71 25.71
CA LEU A 187 -7.96 -17.82 25.78
C LEU A 187 -7.57 -18.78 26.91
N ILE A 194 -7.75 -31.56 22.93
CA ILE A 194 -7.62 -30.87 21.61
C ILE A 194 -7.78 -31.91 20.49
N ASP A 195 -8.46 -31.50 19.41
CA ASP A 195 -8.63 -32.32 18.22
C ASP A 195 -7.66 -31.83 17.14
N TYR A 196 -6.70 -32.69 16.77
CA TYR A 196 -5.66 -32.34 15.82
C TYR A 196 -6.21 -32.28 14.39
N TYR A 197 -7.22 -33.11 14.11
CA TYR A 197 -7.74 -33.29 12.76
C TYR A 197 -8.78 -32.21 12.43
N LYS A 198 -9.17 -31.39 13.42
CA LYS A 198 -10.15 -30.33 13.20
C LYS A 198 -9.50 -29.20 12.41
N LYS A 199 -10.24 -28.68 11.41
CA LYS A 199 -9.76 -27.62 10.53
C LYS A 199 -10.37 -26.27 10.94
N THR A 200 -9.71 -25.19 10.51
CA THR A 200 -10.15 -23.82 10.74
C THR A 200 -11.37 -23.51 9.88
N THR A 201 -11.76 -22.23 9.83
CA THR A 201 -12.94 -21.80 9.10
C THR A 201 -12.78 -22.09 7.60
N ASN A 202 -11.58 -21.83 7.05
CA ASN A 202 -11.32 -22.12 5.64
C ASN A 202 -10.31 -23.27 5.51
N GLY A 203 -10.45 -24.27 6.37
CA GLY A 203 -9.93 -25.60 6.12
C GLY A 203 -8.40 -25.69 6.20
N ARG A 204 -7.81 -25.20 7.29
CA ARG A 204 -6.40 -25.45 7.57
C ARG A 204 -6.27 -26.08 8.96
N LEU A 205 -5.26 -26.95 9.11
CA LEU A 205 -5.06 -27.73 10.32
C LEU A 205 -4.09 -26.98 11.25
N PRO A 206 -4.55 -26.50 12.43
CA PRO A 206 -3.68 -25.75 13.34
C PRO A 206 -2.39 -26.45 13.77
N VAL A 207 -2.34 -27.79 13.65
CA VAL A 207 -1.17 -28.57 14.01
C VAL A 207 0.04 -28.12 13.20
N LYS A 208 -0.19 -27.46 12.06
CA LYS A 208 0.88 -27.07 11.15
C LYS A 208 1.62 -25.84 11.65
N TRP A 209 1.11 -25.22 12.73
CA TRP A 209 1.78 -24.11 13.37
C TRP A 209 2.43 -24.52 14.69
N MET A 210 2.20 -25.77 15.12
CA MET A 210 2.63 -26.21 16.44
C MET A 210 4.09 -26.63 16.41
N ALA A 211 4.80 -26.33 17.51
CA ALA A 211 6.17 -26.78 17.68
C ALA A 211 6.17 -28.27 18.04
N PRO A 212 7.24 -29.03 17.68
CA PRO A 212 7.28 -30.47 17.94
C PRO A 212 7.02 -30.87 19.38
N GLU A 213 7.64 -30.15 20.33
CA GLU A 213 7.52 -30.46 21.74
C GLU A 213 6.08 -30.21 22.21
N ALA A 214 5.39 -29.26 21.56
CA ALA A 214 3.99 -29.00 21.84
C ALA A 214 3.13 -30.11 21.22
N LEU A 215 3.47 -30.48 19.98
CA LEU A 215 2.67 -31.43 19.22
C LEU A 215 2.79 -32.84 19.81
N PHE A 216 4.00 -33.21 20.25
CA PHE A 216 4.26 -34.56 20.74
C PHE A 216 4.14 -34.62 22.26
N ASP A 217 4.89 -33.76 22.96
CA ASP A 217 5.02 -33.84 24.41
C ASP A 217 4.06 -32.89 25.12
N ARG A 218 3.25 -32.13 24.35
CA ARG A 218 2.25 -31.23 24.89
C ARG A 218 2.90 -30.17 25.77
N ILE A 219 4.14 -29.78 25.44
CA ILE A 219 4.87 -28.76 26.17
C ILE A 219 4.71 -27.44 25.43
N TYR A 220 4.14 -26.43 26.11
CA TYR A 220 3.98 -25.10 25.54
C TYR A 220 4.82 -24.10 26.32
N THR A 221 5.72 -23.42 25.61
CA THR A 221 6.54 -22.35 26.17
C THR A 221 6.48 -21.14 25.23
N HIS A 222 7.16 -20.06 25.61
CA HIS A 222 7.32 -18.91 24.72
C HIS A 222 8.11 -19.34 23.48
N GLN A 223 9.03 -20.29 23.69
CA GLN A 223 9.87 -20.83 22.63
C GLN A 223 9.02 -21.54 21.59
N SER A 224 7.92 -22.17 22.03
CA SER A 224 7.00 -22.86 21.14
C SER A 224 6.21 -21.85 20.31
N ASP A 225 6.00 -20.65 20.85
CA ASP A 225 5.38 -19.55 20.12
C ASP A 225 6.32 -19.03 19.04
N VAL A 226 7.63 -19.12 19.30
CA VAL A 226 8.63 -18.65 18.36
C VAL A 226 8.63 -19.55 17.12
N TRP A 227 8.48 -20.86 17.34
CA TRP A 227 8.29 -21.81 16.24
C TRP A 227 7.10 -21.38 15.38
N SER A 228 5.97 -21.12 16.04
CA SER A 228 4.74 -20.73 15.36
C SER A 228 4.92 -19.41 14.63
N PHE A 229 5.71 -18.51 15.22
CA PHE A 229 6.05 -17.24 14.58
C PHE A 229 6.86 -17.51 13.31
N GLY A 230 7.68 -18.56 13.33
CA GLY A 230 8.42 -18.99 12.16
C GLY A 230 7.50 -19.30 10.98
N VAL A 231 6.38 -19.99 11.25
CA VAL A 231 5.40 -20.31 10.23
C VAL A 231 4.71 -19.02 9.78
N LEU A 232 4.44 -18.12 10.74
CA LEU A 232 3.77 -16.86 10.46
C LEU A 232 4.62 -16.03 9.50
N LEU A 233 5.95 -16.04 9.69
CA LEU A 233 6.87 -15.41 8.76
C LEU A 233 6.66 -15.98 7.37
N TRP A 234 6.71 -17.31 7.26
CA TRP A 234 6.50 -18.02 6.00
C TRP A 234 5.17 -17.61 5.39
N GLU A 235 4.12 -17.53 6.24
CA GLU A 235 2.80 -17.09 5.82
C GLU A 235 2.88 -15.69 5.20
N ILE A 236 3.66 -14.79 5.81
CA ILE A 236 3.74 -13.41 5.36
C ILE A 236 4.36 -13.35 3.96
N PHE A 237 5.53 -13.98 3.78
CA PHE A 237 6.30 -13.81 2.56
C PHE A 237 5.79 -14.74 1.45
N THR A 238 4.71 -15.48 1.73
CA THR A 238 3.96 -16.17 0.68
C THR A 238 2.62 -15.47 0.47
N LEU A 239 2.48 -14.26 1.04
CA LEU A 239 1.27 -13.47 0.94
C LEU A 239 0.04 -14.33 1.29
N GLY A 240 0.12 -15.00 2.44
CA GLY A 240 -0.99 -15.78 2.96
C GLY A 240 -1.01 -17.19 2.37
N GLY A 241 0.18 -17.73 2.07
CA GLY A 241 0.30 -19.09 1.61
C GLY A 241 -0.14 -20.08 2.68
N SER A 242 -0.59 -21.25 2.23
CA SER A 242 -1.05 -22.31 3.12
C SER A 242 0.10 -23.29 3.39
N PRO A 243 0.49 -23.54 4.66
CA PRO A 243 1.59 -24.45 4.96
C PRO A 243 1.22 -25.90 4.66
N TYR A 244 2.21 -26.66 4.17
CA TYR A 244 2.07 -28.09 3.95
C TYR A 244 0.75 -28.41 3.27
N PRO A 245 0.49 -27.87 2.06
CA PRO A 245 -0.79 -28.11 1.38
C PRO A 245 -0.94 -29.57 1.02
N GLY A 246 -2.10 -30.15 1.37
CA GLY A 246 -2.43 -31.53 1.01
C GLY A 246 -1.79 -32.55 1.95
N VAL A 247 -1.22 -32.07 3.07
CA VAL A 247 -0.54 -32.94 4.02
C VAL A 247 -1.49 -33.22 5.18
N PRO A 248 -1.92 -34.48 5.41
CA PRO A 248 -2.70 -34.82 6.60
C PRO A 248 -1.82 -34.89 7.84
N VAL A 249 -2.45 -35.14 8.99
CA VAL A 249 -1.81 -34.98 10.29
C VAL A 249 -0.75 -36.06 10.49
N GLU A 250 -1.08 -37.31 10.10
CA GLU A 250 -0.16 -38.42 10.26
C GLU A 250 1.12 -38.14 9.49
N GLU A 251 0.98 -37.58 8.27
CA GLU A 251 2.13 -37.28 7.43
C GLU A 251 2.90 -36.09 7.99
N LEU A 252 2.22 -35.18 8.68
CA LEU A 252 2.86 -34.04 9.31
C LEU A 252 3.82 -34.54 10.40
N PHE A 253 3.37 -35.53 11.19
CA PHE A 253 4.20 -36.12 12.23
C PHE A 253 5.46 -36.72 11.60
N LYS A 254 5.28 -37.37 10.45
CA LYS A 254 6.36 -38.00 9.70
C LYS A 254 7.43 -36.96 9.37
N LEU A 255 7.01 -35.85 8.76
CA LEU A 255 7.91 -34.82 8.28
C LEU A 255 8.71 -34.23 9.43
N LEU A 256 8.02 -33.91 10.53
CA LEU A 256 8.65 -33.28 11.69
C LEU A 256 9.67 -34.22 12.32
N LYS A 257 9.30 -35.50 12.46
CA LYS A 257 10.21 -36.49 13.02
C LYS A 257 11.43 -36.64 12.12
N GLU A 258 11.25 -36.53 10.80
CA GLU A 258 12.35 -36.58 9.85
C GLU A 258 13.15 -35.28 9.88
N GLY A 259 12.64 -34.26 10.57
CA GLY A 259 13.33 -32.98 10.70
C GLY A 259 13.19 -32.14 9.43
N HIS A 260 12.10 -32.35 8.70
CA HIS A 260 11.84 -31.64 7.46
C HIS A 260 11.49 -30.18 7.78
N ARG A 261 11.92 -29.27 6.90
CA ARG A 261 11.65 -27.85 7.05
C ARG A 261 11.10 -27.32 5.72
N MET A 262 10.15 -26.38 5.80
CA MET A 262 9.50 -25.83 4.62
C MET A 262 10.54 -25.11 3.76
N ASP A 263 10.28 -25.09 2.45
CA ASP A 263 11.18 -24.48 1.47
C ASP A 263 11.19 -22.97 1.66
N LYS A 264 12.31 -22.34 1.27
CA LYS A 264 12.40 -20.90 1.22
C LYS A 264 11.39 -20.35 0.23
N PRO A 265 10.48 -19.45 0.63
CA PRO A 265 9.55 -18.82 -0.32
C PRO A 265 10.34 -18.04 -1.38
N SER A 266 9.81 -17.99 -2.60
CA SER A 266 10.28 -17.01 -3.56
C SER A 266 9.90 -15.63 -3.03
N ASN A 267 10.72 -14.63 -3.35
CA ASN A 267 10.49 -13.26 -2.89
C ASN A 267 10.67 -13.26 -1.37
N CYS A 268 11.90 -13.55 -0.95
CA CYS A 268 12.27 -13.67 0.46
C CYS A 268 13.78 -13.85 0.55
N THR A 269 14.45 -12.99 1.32
CA THR A 269 15.91 -13.00 1.41
C THR A 269 16.37 -14.26 2.12
N ASN A 270 17.67 -14.56 2.01
CA ASN A 270 18.28 -15.66 2.74
C ASN A 270 18.25 -15.37 4.23
N GLU A 271 18.48 -14.09 4.58
CA GLU A 271 18.52 -13.65 5.97
C GLU A 271 17.20 -13.99 6.66
N LEU A 272 16.08 -13.70 5.97
CA LEU A 272 14.77 -13.93 6.53
C LEU A 272 14.46 -15.41 6.57
N TYR A 273 14.96 -16.17 5.59
CA TYR A 273 14.79 -17.62 5.59
C TYR A 273 15.54 -18.21 6.78
N MET A 274 16.77 -17.72 7.01
CA MET A 274 17.57 -18.15 8.15
C MET A 274 16.79 -17.92 9.44
N MET A 275 16.10 -16.77 9.52
CA MET A 275 15.33 -16.41 10.69
C MET A 275 14.25 -17.47 10.96
N MET A 276 13.50 -17.84 9.91
CA MET A 276 12.49 -18.88 10.02
C MET A 276 13.13 -20.18 10.50
N ARG A 277 14.27 -20.54 9.89
CA ARG A 277 14.95 -21.78 10.22
C ARG A 277 15.39 -21.76 11.68
N ASP A 278 15.90 -20.60 12.13
CA ASP A 278 16.25 -20.38 13.53
C ASP A 278 15.03 -20.61 14.42
N CYS A 279 13.89 -20.05 14.01
CA CYS A 279 12.64 -20.22 14.74
C CYS A 279 12.24 -21.69 14.78
N TRP A 280 12.56 -22.43 13.72
CA TRP A 280 12.22 -23.84 13.62
C TRP A 280 13.36 -24.73 14.13
N HIS A 281 14.23 -24.19 14.99
CA HIS A 281 15.33 -24.96 15.55
C HIS A 281 14.72 -26.09 16.39
N ALA A 282 15.20 -27.31 16.18
CA ALA A 282 14.65 -28.49 16.85
C ALA A 282 14.72 -28.30 18.36
N VAL A 283 15.85 -27.80 18.85
CA VAL A 283 16.06 -27.54 20.26
C VAL A 283 15.41 -26.21 20.63
N PRO A 284 14.38 -26.19 21.51
CA PRO A 284 13.70 -24.94 21.89
C PRO A 284 14.59 -23.82 22.40
N SER A 285 15.61 -24.19 23.20
CA SER A 285 16.49 -23.23 23.85
C SER A 285 17.35 -22.51 22.81
N GLN A 286 17.54 -23.14 21.65
CA GLN A 286 18.38 -22.58 20.60
C GLN A 286 17.58 -21.67 19.66
N ARG A 287 16.24 -21.69 19.76
CA ARG A 287 15.44 -20.74 19.02
C ARG A 287 15.71 -19.34 19.57
N PRO A 288 15.53 -18.28 18.75
CA PRO A 288 15.66 -16.90 19.23
C PRO A 288 14.46 -16.55 20.11
N THR A 289 14.65 -15.55 20.98
CA THR A 289 13.56 -14.95 21.72
C THR A 289 12.90 -13.90 20.83
N PHE A 290 11.66 -13.53 21.16
CA PHE A 290 10.97 -12.46 20.47
C PHE A 290 11.75 -11.16 20.64
N LYS A 291 12.36 -10.98 21.81
CA LYS A 291 13.23 -9.84 22.07
C LYS A 291 14.27 -9.73 20.97
N GLN A 292 14.89 -10.86 20.63
CA GLN A 292 15.91 -10.91 19.59
C GLN A 292 15.27 -10.65 18.22
N LEU A 293 14.12 -11.27 17.98
CA LEU A 293 13.43 -11.15 16.69
C LEU A 293 12.99 -9.71 16.44
N VAL A 294 12.67 -8.98 17.52
CA VAL A 294 12.26 -7.58 17.39
C VAL A 294 13.47 -6.73 16.99
N GLU A 295 14.63 -7.02 17.59
CA GLU A 295 15.85 -6.27 17.31
C GLU A 295 16.30 -6.51 15.87
N ASP A 296 16.20 -7.76 15.41
CA ASP A 296 16.68 -8.14 14.09
C ASP A 296 15.76 -7.53 13.03
N LEU A 297 14.45 -7.61 13.26
CA LEU A 297 13.48 -7.13 12.30
C LEU A 297 13.50 -5.60 12.26
N ASP A 298 13.79 -4.97 13.39
CA ASP A 298 13.98 -3.53 13.46
C ASP A 298 15.04 -3.12 12.43
N ARG A 299 16.20 -3.79 12.50
CA ARG A 299 17.34 -3.51 11.64
C ARG A 299 17.00 -3.78 10.18
N ILE A 300 16.27 -4.87 9.94
CA ILE A 300 15.98 -5.33 8.59
C ILE A 300 14.99 -4.38 7.92
N VAL A 301 13.95 -3.95 8.67
CA VAL A 301 12.94 -3.05 8.13
C VAL A 301 13.63 -1.81 7.56
N ALA A 302 14.55 -1.23 8.35
CA ALA A 302 15.21 0.01 7.98
C ALA A 302 16.10 -0.19 6.74
N LEU A 303 16.50 -1.43 6.46
CA LEU A 303 17.38 -1.74 5.35
C LEU A 303 16.62 -2.33 4.17
N THR A 304 15.32 -2.64 4.36
CA THR A 304 14.48 -3.16 3.29
C THR A 304 13.88 -1.98 2.53
N SER A 305 13.93 -2.05 1.19
CA SER A 305 13.45 -0.98 0.33
C SER A 305 11.93 -1.03 0.21
N ASN A 306 11.31 0.12 -0.05
CA ASN A 306 9.89 0.18 -0.37
C ASN A 306 9.74 0.48 -1.86
N GLN A 307 10.09 -0.52 -2.69
CA GLN A 307 9.81 -0.53 -4.12
C GLN A 307 10.02 -1.95 -4.66
N VAL B 3 -23.83 7.95 -2.92
CA VAL B 3 -23.32 8.79 -1.78
C VAL B 3 -23.17 10.24 -2.28
N SER B 4 -22.25 10.43 -3.24
CA SER B 4 -22.03 11.74 -3.84
C SER B 4 -22.86 11.86 -5.12
N GLU B 5 -23.90 11.04 -5.22
CA GLU B 5 -24.88 11.12 -6.29
C GLU B 5 -25.61 12.46 -6.22
N TYR B 6 -25.83 12.95 -4.99
CA TYR B 6 -26.61 14.16 -4.76
C TYR B 6 -25.76 15.28 -4.14
N GLU B 7 -24.71 14.94 -3.38
CA GLU B 7 -23.82 15.96 -2.86
C GLU B 7 -22.49 15.37 -2.41
N LEU B 8 -21.41 16.10 -2.73
CA LEU B 8 -20.06 15.71 -2.35
C LEU B 8 -19.78 16.16 -0.91
N PRO B 9 -18.96 15.40 -0.14
CA PRO B 9 -18.47 15.88 1.15
C PRO B 9 -17.67 17.18 0.97
N GLU B 10 -17.87 18.10 1.91
CA GLU B 10 -17.32 19.44 1.80
C GLU B 10 -15.92 19.43 2.43
N ASP B 11 -14.99 20.21 1.87
CA ASP B 11 -13.67 20.36 2.48
C ASP B 11 -13.25 21.83 2.43
N PRO B 12 -13.66 22.65 3.42
CA PRO B 12 -13.39 24.10 3.38
C PRO B 12 -11.96 24.51 3.09
N ARG B 13 -10.99 23.70 3.52
CA ARG B 13 -9.58 23.96 3.29
C ARG B 13 -9.32 24.30 1.82
N TRP B 14 -9.90 23.51 0.91
CA TRP B 14 -9.57 23.54 -0.51
C TRP B 14 -10.65 24.21 -1.36
N GLU B 15 -11.80 24.52 -0.75
CA GLU B 15 -12.98 24.96 -1.48
C GLU B 15 -12.75 26.36 -2.04
N LEU B 16 -13.25 26.58 -3.26
CA LEU B 16 -13.25 27.90 -3.88
C LEU B 16 -14.67 28.20 -4.36
N PRO B 17 -15.27 29.35 -3.94
CA PRO B 17 -16.55 29.79 -4.50
C PRO B 17 -16.50 29.85 -6.03
N ARG B 18 -17.62 29.47 -6.67
CA ARG B 18 -17.67 29.25 -8.10
C ARG B 18 -17.55 30.58 -8.85
N ASP B 19 -17.97 31.68 -8.22
CA ASP B 19 -17.92 33.00 -8.83
C ASP B 19 -16.47 33.48 -8.95
N ARG B 20 -15.51 32.74 -8.35
CA ARG B 20 -14.11 33.08 -8.43
C ARG B 20 -13.38 32.18 -9.42
N LEU B 21 -14.13 31.55 -10.34
CA LEU B 21 -13.54 30.69 -11.36
C LEU B 21 -14.18 30.98 -12.71
N VAL B 22 -13.40 31.56 -13.63
CA VAL B 22 -13.85 31.81 -14.99
C VAL B 22 -13.24 30.76 -15.91
N LEU B 23 -14.10 29.87 -16.44
CA LEU B 23 -13.67 28.81 -17.33
C LEU B 23 -13.32 29.36 -18.70
N GLY B 24 -12.29 28.76 -19.32
CA GLY B 24 -11.82 29.15 -20.64
C GLY B 24 -11.90 27.98 -21.61
N LYS B 25 -11.00 27.97 -22.59
CA LYS B 25 -11.04 27.00 -23.68
C LYS B 25 -10.48 25.66 -23.21
N PRO B 26 -10.94 24.53 -23.79
CA PRO B 26 -10.47 23.21 -23.39
C PRO B 26 -9.01 22.98 -23.76
N LEU B 27 -8.28 22.28 -22.89
CA LEU B 27 -6.88 21.94 -23.11
C LEU B 27 -6.77 20.52 -23.67
N GLY B 28 -7.48 19.57 -23.03
CA GLY B 28 -7.52 18.18 -23.49
C GLY B 28 -8.67 17.42 -22.83
N GLU B 29 -8.80 16.13 -23.17
CA GLU B 29 -9.88 15.32 -22.64
C GLU B 29 -9.48 13.84 -22.62
N GLY B 30 -10.39 13.04 -22.04
CA GLY B 30 -10.28 11.59 -22.00
C GLY B 30 -11.62 10.95 -22.36
N ALA B 31 -11.86 9.73 -21.87
CA ALA B 31 -13.06 8.98 -22.22
C ALA B 31 -14.29 9.61 -21.57
N PHE B 32 -14.17 10.00 -20.29
CA PHE B 32 -15.30 10.54 -19.53
C PHE B 32 -14.93 11.78 -18.71
N GLY B 33 -13.69 12.25 -18.83
CA GLY B 33 -13.23 13.44 -18.10
C GLY B 33 -12.39 14.34 -19.00
N GLN B 34 -12.40 15.65 -18.72
CA GLN B 34 -11.72 16.62 -19.58
C GLN B 34 -11.06 17.72 -18.74
N VAL B 35 -10.20 18.50 -19.40
CA VAL B 35 -9.42 19.56 -18.76
C VAL B 35 -9.64 20.85 -19.53
N VAL B 36 -9.74 21.98 -18.79
CA VAL B 36 -9.99 23.28 -19.40
C VAL B 36 -9.11 24.34 -18.75
N LEU B 37 -8.65 25.28 -19.59
CA LEU B 37 -7.98 26.49 -19.14
C LEU B 37 -9.00 27.37 -18.41
N ALA B 38 -8.60 27.95 -17.27
CA ALA B 38 -9.47 28.84 -16.52
C ALA B 38 -8.66 29.90 -15.80
N GLU B 39 -9.37 30.88 -15.23
CA GLU B 39 -8.76 31.93 -14.42
C GLU B 39 -9.43 31.95 -13.05
N ALA B 40 -8.60 31.77 -12.01
CA ALA B 40 -9.07 31.69 -10.63
C ALA B 40 -8.75 33.01 -9.92
N ILE B 41 -9.79 33.63 -9.33
CA ILE B 41 -9.64 34.91 -8.66
C ILE B 41 -9.44 34.65 -7.16
N GLY B 42 -8.28 35.08 -6.66
CA GLY B 42 -8.00 35.03 -5.22
C GLY B 42 -7.89 33.59 -4.73
N LEU B 43 -6.92 32.84 -5.28
CA LEU B 43 -6.66 31.47 -4.85
C LEU B 43 -6.24 31.48 -3.38
N ASP B 44 -5.43 32.47 -3.01
CA ASP B 44 -5.08 32.73 -1.62
C ASP B 44 -5.96 33.86 -1.10
N LYS B 45 -6.32 33.77 0.19
CA LYS B 45 -7.09 34.79 0.89
C LYS B 45 -6.23 36.04 1.06
N ASP B 46 -4.91 35.86 1.11
CA ASP B 46 -3.98 36.96 1.31
C ASP B 46 -3.89 37.81 0.05
N LYS B 47 -4.01 37.16 -1.11
CA LYS B 47 -4.01 37.85 -2.40
C LYS B 47 -5.35 37.60 -3.09
N PRO B 48 -6.44 38.26 -2.65
CA PRO B 48 -7.79 37.95 -3.15
C PRO B 48 -8.20 38.55 -4.51
N ASN B 49 -7.47 39.57 -4.98
CA ASN B 49 -7.78 40.23 -6.23
C ASN B 49 -6.86 39.74 -7.35
N ARG B 50 -6.02 38.74 -7.04
CA ARG B 50 -5.06 38.21 -8.01
C ARG B 50 -5.77 37.17 -8.88
N VAL B 51 -5.53 37.22 -10.19
CA VAL B 51 -6.01 36.20 -11.10
C VAL B 51 -4.84 35.28 -11.41
N THR B 52 -5.11 33.96 -11.38
CA THR B 52 -4.13 32.96 -11.74
C THR B 52 -4.72 32.10 -12.87
N LYS B 53 -3.92 31.91 -13.92
CA LYS B 53 -4.22 30.94 -14.96
C LYS B 53 -4.08 29.54 -14.34
N VAL B 54 -5.13 28.72 -14.49
CA VAL B 54 -5.17 27.39 -13.91
C VAL B 54 -5.75 26.42 -14.93
N ALA B 55 -5.58 25.12 -14.65
CA ALA B 55 -6.24 24.07 -15.40
C ALA B 55 -7.29 23.41 -14.50
N VAL B 56 -8.49 23.22 -15.04
CA VAL B 56 -9.61 22.67 -14.28
C VAL B 56 -9.96 21.32 -14.87
N LYS B 57 -9.91 20.27 -14.05
CA LYS B 57 -10.32 18.94 -14.47
C LYS B 57 -11.78 18.71 -14.04
N MET B 58 -12.58 18.15 -14.93
CA MET B 58 -14.01 18.01 -14.72
C MET B 58 -14.53 16.84 -15.55
N LEU B 59 -15.76 16.42 -15.24
CA LEU B 59 -16.45 15.38 -15.97
C LEU B 59 -17.02 15.94 -17.27
N LYS B 60 -17.39 15.05 -18.18
CA LYS B 60 -18.11 15.41 -19.39
C LYS B 60 -19.59 15.09 -19.22
N SER B 61 -20.39 15.52 -20.19
CA SER B 61 -21.84 15.34 -20.17
C SER B 61 -22.22 13.89 -19.87
N ASP B 62 -21.49 12.94 -20.47
CA ASP B 62 -21.85 11.54 -20.45
C ASP B 62 -21.05 10.74 -19.41
N ALA B 63 -20.77 11.34 -18.24
CA ALA B 63 -20.03 10.67 -17.19
C ALA B 63 -21.00 9.96 -16.25
N THR B 64 -20.55 8.84 -15.68
CA THR B 64 -21.37 8.04 -14.76
C THR B 64 -20.90 8.30 -13.34
N GLU B 65 -21.53 7.60 -12.37
CA GLU B 65 -21.22 7.74 -10.96
C GLU B 65 -19.81 7.25 -10.68
N LYS B 66 -19.36 6.22 -11.39
CA LYS B 66 -18.03 5.65 -11.20
C LYS B 66 -16.95 6.63 -11.67
N ASP B 67 -17.26 7.36 -12.74
CA ASP B 67 -16.37 8.37 -13.29
C ASP B 67 -16.13 9.46 -12.25
N LEU B 68 -17.21 9.88 -11.59
CA LEU B 68 -17.15 10.85 -10.50
C LEU B 68 -16.25 10.33 -9.38
N SER B 69 -16.48 9.08 -8.95
CA SER B 69 -15.69 8.44 -7.92
C SER B 69 -14.20 8.57 -8.23
N ASP B 70 -13.83 8.28 -9.49
CA ASP B 70 -12.46 8.31 -9.94
C ASP B 70 -11.87 9.71 -9.80
N LEU B 71 -12.65 10.72 -10.21
CA LEU B 71 -12.19 12.11 -10.19
C LEU B 71 -11.97 12.55 -8.74
N ILE B 72 -12.91 12.18 -7.86
CA ILE B 72 -12.80 12.47 -6.45
C ILE B 72 -11.54 11.81 -5.89
N SER B 73 -11.36 10.53 -6.21
CA SER B 73 -10.23 9.76 -5.70
C SER B 73 -8.92 10.38 -6.16
N GLU B 74 -8.89 10.93 -7.37
CA GLU B 74 -7.71 11.61 -7.89
C GLU B 74 -7.43 12.85 -7.04
N MET B 75 -8.49 13.61 -6.72
CA MET B 75 -8.38 14.84 -5.95
C MET B 75 -7.87 14.53 -4.54
N GLU B 76 -8.40 13.47 -3.92
CA GLU B 76 -8.04 13.11 -2.57
C GLU B 76 -6.59 12.61 -2.53
N MET B 77 -6.20 11.88 -3.57
CA MET B 77 -4.84 11.36 -3.67
C MET B 77 -3.85 12.52 -3.70
N MET B 78 -4.20 13.61 -4.41
CA MET B 78 -3.30 14.75 -4.54
C MET B 78 -3.13 15.43 -3.18
N LYS B 79 -4.22 15.57 -2.43
CA LYS B 79 -4.18 16.11 -1.08
C LYS B 79 -3.21 15.29 -0.23
N MET B 80 -3.30 13.95 -0.33
CA MET B 80 -2.47 13.03 0.43
C MET B 80 -0.99 13.25 0.11
N ILE B 81 -0.69 13.43 -1.19
CA ILE B 81 0.68 13.41 -1.68
C ILE B 81 1.41 14.69 -1.29
N GLY B 82 0.74 15.85 -1.38
CA GLY B 82 1.30 17.11 -0.94
C GLY B 82 1.98 17.87 -2.08
N LYS B 83 2.56 19.03 -1.74
CA LYS B 83 3.18 19.93 -2.71
C LYS B 83 4.56 19.42 -3.12
N HIS B 84 4.88 19.58 -4.40
CA HIS B 84 6.25 19.49 -4.88
C HIS B 84 6.39 20.30 -6.17
N LYS B 85 7.58 20.87 -6.37
CA LYS B 85 7.84 21.75 -7.49
C LYS B 85 7.65 21.00 -8.81
N ASN B 86 8.07 19.73 -8.85
CA ASN B 86 8.16 18.97 -10.08
C ASN B 86 6.98 18.02 -10.23
N ILE B 87 5.83 18.37 -9.62
CA ILE B 87 4.57 17.72 -9.92
C ILE B 87 3.53 18.80 -10.19
N ILE B 88 2.41 18.40 -10.79
CA ILE B 88 1.25 19.26 -10.95
C ILE B 88 0.47 19.25 -9.63
N ASN B 89 0.49 20.38 -8.91
CA ASN B 89 -0.08 20.46 -7.59
C ASN B 89 -1.56 20.82 -7.65
N LEU B 90 -2.32 20.36 -6.66
CA LEU B 90 -3.69 20.79 -6.43
C LEU B 90 -3.66 22.22 -5.87
N LEU B 91 -4.54 23.07 -6.40
CA LEU B 91 -4.63 24.46 -5.98
C LEU B 91 -5.96 24.70 -5.26
N GLY B 92 -7.03 24.08 -5.76
CA GLY B 92 -8.34 24.21 -5.12
C GLY B 92 -9.37 23.33 -5.82
N ALA B 93 -10.63 23.41 -5.35
CA ALA B 93 -11.71 22.64 -5.91
C ALA B 93 -13.06 23.31 -5.65
N CYS B 94 -13.98 23.14 -6.61
CA CYS B 94 -15.38 23.48 -6.43
C CYS B 94 -16.20 22.20 -6.38
N THR B 95 -16.71 21.85 -5.19
CA THR B 95 -17.33 20.54 -4.95
C THR B 95 -18.81 20.68 -4.62
N GLN B 96 -19.31 21.92 -4.47
CA GLN B 96 -20.62 22.16 -3.90
C GLN B 96 -21.50 22.92 -4.90
N ASP B 97 -22.80 22.60 -4.91
CA ASP B 97 -23.80 23.34 -5.64
C ASP B 97 -23.38 23.50 -7.11
N GLY B 98 -23.03 22.38 -7.74
CA GLY B 98 -22.58 22.37 -9.13
C GLY B 98 -21.59 21.24 -9.37
N PRO B 99 -21.17 20.99 -10.63
CA PRO B 99 -20.26 19.88 -10.93
C PRO B 99 -18.88 20.07 -10.30
N LEU B 100 -18.18 18.94 -10.12
CA LEU B 100 -16.88 18.90 -9.46
C LEU B 100 -15.82 19.50 -10.39
N TYR B 101 -15.19 20.59 -9.92
CA TYR B 101 -14.03 21.17 -10.57
C TYR B 101 -12.81 20.94 -9.68
N VAL B 102 -11.75 20.39 -10.26
CA VAL B 102 -10.48 20.16 -9.58
C VAL B 102 -9.43 21.06 -10.21
N ILE B 103 -8.99 22.07 -9.44
CA ILE B 103 -8.17 23.15 -9.97
C ILE B 103 -6.70 22.81 -9.70
N VAL B 104 -5.92 22.68 -10.76
CA VAL B 104 -4.51 22.32 -10.66
C VAL B 104 -3.70 23.40 -11.36
N GLU B 105 -2.36 23.29 -11.25
CA GLU B 105 -1.45 24.28 -11.81
C GLU B 105 -1.51 24.22 -13.33
N TYR B 106 -1.35 25.40 -13.96
CA TYR B 106 -1.35 25.53 -15.41
C TYR B 106 0.10 25.51 -15.91
N ALA B 107 0.34 24.78 -17.00
CA ALA B 107 1.67 24.65 -17.58
C ALA B 107 1.64 25.19 -19.01
N SER B 108 2.19 26.39 -19.19
CA SER B 108 1.94 27.20 -20.39
C SER B 108 2.52 26.57 -21.65
N LYS B 109 3.60 25.78 -21.51
CA LYS B 109 4.36 25.33 -22.66
C LYS B 109 4.03 23.87 -23.01
N GLY B 110 2.93 23.35 -22.46
CA GLY B 110 2.43 22.04 -22.85
C GLY B 110 3.28 20.90 -22.27
N ASN B 111 3.11 19.70 -22.84
CA ASN B 111 3.82 18.53 -22.35
C ASN B 111 5.23 18.51 -22.91
N LEU B 112 6.06 17.63 -22.35
CA LEU B 112 7.48 17.59 -22.63
C LEU B 112 7.75 17.13 -24.06
N ARG B 113 6.92 16.21 -24.56
CA ARG B 113 7.08 15.71 -25.92
C ARG B 113 6.94 16.85 -26.91
N GLU B 114 5.89 17.66 -26.73
CA GLU B 114 5.62 18.82 -27.57
C GLU B 114 6.75 19.85 -27.43
N TYR B 115 7.15 20.09 -26.18
CA TYR B 115 8.18 21.07 -25.86
C TYR B 115 9.48 20.75 -26.58
N LEU B 116 9.88 19.47 -26.54
CA LEU B 116 11.13 19.02 -27.13
C LEU B 116 11.08 19.14 -28.66
N GLN B 117 9.99 18.63 -29.25
CA GLN B 117 9.81 18.63 -30.69
C GLN B 117 9.83 20.04 -31.25
N ALA B 118 9.27 20.99 -30.50
CA ALA B 118 9.17 22.37 -30.94
C ALA B 118 10.52 23.07 -30.91
N ARG B 119 11.53 22.46 -30.26
CA ARG B 119 12.83 23.09 -30.08
C ARG B 119 13.93 22.27 -30.77
N ARG B 120 13.54 21.47 -31.77
CA ARG B 120 14.50 20.76 -32.60
C ARG B 120 15.16 21.74 -33.56
N PRO B 121 16.51 21.70 -33.75
CA PRO B 121 17.16 22.45 -34.83
C PRO B 121 16.83 21.90 -36.22
N GLU B 136 14.01 28.62 -27.28
CA GLU B 136 15.25 28.60 -28.13
C GLU B 136 15.81 27.19 -28.17
N GLN B 137 16.96 27.03 -28.84
CA GLN B 137 17.72 25.80 -28.82
C GLN B 137 17.89 25.32 -27.38
N LEU B 138 17.69 24.02 -27.15
CA LEU B 138 17.97 23.40 -25.86
C LEU B 138 19.41 22.90 -25.85
N SER B 139 20.19 23.34 -24.84
CA SER B 139 21.56 22.89 -24.67
C SER B 139 21.56 21.47 -24.12
N SER B 140 22.75 20.85 -24.13
CA SER B 140 22.93 19.53 -23.54
C SER B 140 22.53 19.57 -22.07
N LYS B 141 22.89 20.66 -21.38
CA LYS B 141 22.58 20.83 -19.98
C LYS B 141 21.07 20.88 -19.78
N ASP B 142 20.37 21.60 -20.68
CA ASP B 142 18.91 21.71 -20.63
C ASP B 142 18.29 20.33 -20.67
N LEU B 143 18.77 19.47 -21.57
CA LEU B 143 18.23 18.13 -21.73
C LEU B 143 18.43 17.33 -20.45
N VAL B 144 19.64 17.36 -19.89
CA VAL B 144 19.95 16.63 -18.67
C VAL B 144 19.13 17.21 -17.52
N SER B 145 19.11 18.55 -17.44
CA SER B 145 18.33 19.27 -16.45
C SER B 145 16.87 18.82 -16.46
N CYS B 146 16.32 18.61 -17.67
N CYS B 146 16.32 18.60 -17.66
CA CYS B 146 14.95 18.13 -17.82
CA CYS B 146 14.95 18.14 -17.80
C CYS B 146 14.78 16.78 -17.13
C CYS B 146 14.78 16.78 -17.13
N ALA B 147 15.73 15.87 -17.36
CA ALA B 147 15.69 14.53 -16.79
C ALA B 147 15.82 14.57 -15.26
N TYR B 148 16.66 15.49 -14.75
CA TYR B 148 16.83 15.65 -13.31
C TYR B 148 15.50 15.99 -12.65
N GLN B 149 14.84 17.05 -13.15
CA GLN B 149 13.60 17.53 -12.58
C GLN B 149 12.54 16.43 -12.57
N VAL B 150 12.44 15.68 -13.66
CA VAL B 150 11.47 14.60 -13.77
C VAL B 150 11.78 13.53 -12.73
N ALA B 151 13.07 13.22 -12.56
CA ALA B 151 13.51 12.23 -11.58
C ALA B 151 13.20 12.72 -10.17
N ARG B 152 13.45 14.01 -9.92
CA ARG B 152 13.19 14.62 -8.62
C ARG B 152 11.70 14.53 -8.30
N GLY B 153 10.86 14.76 -9.31
CA GLY B 153 9.42 14.69 -9.18
C GLY B 153 8.94 13.27 -8.86
N MET B 154 9.54 12.27 -9.52
CA MET B 154 9.15 10.89 -9.33
C MET B 154 9.61 10.37 -7.97
N GLU B 155 10.75 10.90 -7.48
CA GLU B 155 11.28 10.50 -6.18
C GLU B 155 10.30 10.91 -5.09
N TYR B 156 9.72 12.11 -5.24
CA TYR B 156 8.78 12.63 -4.26
C TYR B 156 7.54 11.76 -4.26
N LEU B 157 6.96 11.55 -5.44
CA LEU B 157 5.79 10.70 -5.60
C LEU B 157 6.08 9.31 -5.00
N ALA B 158 7.25 8.75 -5.33
CA ALA B 158 7.63 7.43 -4.86
C ALA B 158 7.70 7.41 -3.33
N SER B 159 8.23 8.50 -2.75
CA SER B 159 8.31 8.62 -1.30
C SER B 159 6.92 8.68 -0.67
N LYS B 160 5.91 9.09 -1.47
CA LYS B 160 4.53 9.15 -1.02
C LYS B 160 3.75 7.94 -1.52
N LYS B 161 4.46 6.84 -1.84
CA LYS B 161 3.87 5.56 -2.18
C LYS B 161 2.99 5.68 -3.43
N CYS B 162 3.34 6.60 -4.32
CA CYS B 162 2.56 6.84 -5.53
C CYS B 162 3.26 6.21 -6.73
N ILE B 163 2.55 5.28 -7.40
CA ILE B 163 3.04 4.63 -8.61
C ILE B 163 2.27 5.22 -9.79
N HIS B 164 3.02 5.80 -10.74
CA HIS B 164 2.42 6.55 -11.83
C HIS B 164 1.70 5.59 -12.78
N ARG B 165 2.44 4.62 -13.32
CA ARG B 165 1.91 3.54 -14.14
C ARG B 165 1.93 3.90 -15.62
N ASP B 166 2.11 5.19 -15.96
CA ASP B 166 2.29 5.59 -17.34
C ASP B 166 3.16 6.85 -17.40
N LEU B 167 4.34 6.77 -16.79
CA LEU B 167 5.31 7.86 -16.86
C LEU B 167 5.84 7.93 -18.28
N ALA B 168 5.65 9.10 -18.91
CA ALA B 168 6.13 9.36 -20.26
C ALA B 168 6.22 10.87 -20.48
N ALA B 169 6.84 11.27 -21.59
CA ALA B 169 7.02 12.67 -21.90
C ALA B 169 5.66 13.35 -22.04
N ARG B 170 4.67 12.61 -22.55
CA ARG B 170 3.33 13.14 -22.76
C ARG B 170 2.69 13.53 -21.43
N ASN B 171 3.10 12.89 -20.33
CA ASN B 171 2.51 13.14 -19.01
C ASN B 171 3.47 13.94 -18.12
N VAL B 172 4.47 14.58 -18.73
CA VAL B 172 5.24 15.63 -18.08
C VAL B 172 4.84 16.95 -18.73
N LEU B 173 4.49 17.94 -17.91
CA LEU B 173 4.13 19.26 -18.40
C LEU B 173 5.27 20.24 -18.09
N VAL B 174 5.27 21.37 -18.80
CA VAL B 174 6.34 22.36 -18.73
C VAL B 174 5.73 23.74 -18.55
N THR B 175 6.19 24.46 -17.51
CA THR B 175 5.59 25.73 -17.13
C THR B 175 6.25 26.86 -17.93
N GLU B 176 5.81 28.09 -17.66
CA GLU B 176 6.35 29.28 -18.31
C GLU B 176 7.83 29.44 -17.98
N ASP B 177 8.25 28.93 -16.81
CA ASP B 177 9.63 29.04 -16.36
C ASP B 177 10.36 27.72 -16.57
N ASN B 178 9.92 26.93 -17.55
CA ASN B 178 10.59 25.70 -17.97
C ASN B 178 10.79 24.74 -16.79
N VAL B 179 9.81 24.68 -15.89
CA VAL B 179 9.83 23.72 -14.79
C VAL B 179 9.09 22.47 -15.26
N MET B 180 9.72 21.30 -15.11
CA MET B 180 9.06 20.04 -15.41
C MET B 180 8.09 19.71 -14.27
N LYS B 181 6.84 19.39 -14.63
CA LYS B 181 5.84 18.96 -13.66
C LYS B 181 5.17 17.68 -14.17
N ILE B 182 5.18 16.64 -13.35
CA ILE B 182 4.56 15.36 -13.67
C ILE B 182 3.06 15.47 -13.50
N ALA B 183 2.32 14.91 -14.46
CA ALA B 183 0.87 14.98 -14.49
C ALA B 183 0.28 13.57 -14.44
N ASP B 184 -1.04 13.50 -14.24
CA ASP B 184 -1.81 12.26 -14.22
C ASP B 184 -1.10 11.21 -13.40
N PHE B 185 -0.66 11.57 -12.19
CA PHE B 185 0.02 10.65 -11.30
C PHE B 185 -0.99 10.01 -10.34
N GLY B 186 -2.17 10.62 -10.20
CA GLY B 186 -3.17 10.18 -9.24
C GLY B 186 -4.34 9.43 -9.90
N LEU B 187 -4.17 8.99 -11.15
CA LEU B 187 -5.23 8.31 -11.88
C LEU B 187 -5.40 6.89 -11.34
N ALA B 188 -6.66 6.46 -11.23
CA ALA B 188 -7.02 5.08 -10.93
C ALA B 188 -7.28 4.32 -12.24
N ARG B 189 -6.20 3.87 -12.89
CA ARG B 189 -6.29 3.25 -14.20
C ARG B 189 -6.83 1.82 -14.09
N ASP B 190 -7.40 1.34 -15.21
CA ASP B 190 -7.95 -0.01 -15.28
C ASP B 190 -6.81 -1.01 -15.44
N ILE B 191 -6.36 -1.57 -14.31
CA ILE B 191 -5.27 -2.54 -14.31
C ILE B 191 -5.85 -3.91 -14.74
N ILE B 194 -7.11 -3.35 -18.93
CA ILE B 194 -6.26 -2.40 -19.73
C ILE B 194 -6.26 -2.84 -21.20
N ASP B 195 -6.32 -1.86 -22.11
CA ASP B 195 -6.32 -2.09 -23.54
C ASP B 195 -4.94 -1.77 -24.10
N TYR B 196 -4.25 -2.79 -24.60
CA TYR B 196 -2.88 -2.65 -25.06
C TYR B 196 -2.85 -1.95 -26.42
N TYR B 197 -3.90 -2.16 -27.22
CA TYR B 197 -3.92 -1.70 -28.61
C TYR B 197 -4.39 -0.25 -28.72
N LYS B 198 -4.82 0.34 -27.59
CA LYS B 198 -5.28 1.72 -27.57
C LYS B 198 -4.09 2.66 -27.80
N LYS B 199 -4.30 3.67 -28.66
CA LYS B 199 -3.26 4.60 -29.05
C LYS B 199 -3.51 5.95 -28.39
N THR B 200 -2.45 6.78 -28.34
CA THR B 200 -2.53 8.12 -27.78
C THR B 200 -3.25 9.03 -28.78
N THR B 201 -3.31 10.33 -28.46
CA THR B 201 -3.92 11.33 -29.33
C THR B 201 -3.19 11.38 -30.67
N ASN B 202 -1.85 11.28 -30.65
CA ASN B 202 -1.05 11.32 -31.86
C ASN B 202 -0.42 9.95 -32.14
N GLY B 203 -1.17 8.88 -31.83
CA GLY B 203 -0.94 7.57 -32.41
C GLY B 203 0.34 6.89 -31.94
N ARG B 204 0.53 6.80 -30.62
CA ARG B 204 1.57 5.99 -30.03
C ARG B 204 0.95 5.01 -29.04
N LEU B 205 1.55 3.82 -28.91
CA LEU B 205 1.05 2.79 -28.03
C LEU B 205 1.72 2.90 -26.66
N PRO B 206 0.97 3.24 -25.57
CA PRO B 206 1.54 3.30 -24.22
C PRO B 206 2.28 2.06 -23.73
N VAL B 207 2.02 0.90 -24.34
CA VAL B 207 2.69 -0.35 -23.96
C VAL B 207 4.20 -0.22 -24.14
N LYS B 208 4.64 0.75 -24.95
CA LYS B 208 6.06 0.90 -25.27
C LYS B 208 6.80 1.57 -24.12
N TRP B 209 6.07 2.03 -23.10
CA TRP B 209 6.69 2.59 -21.90
C TRP B 209 6.60 1.62 -20.72
N MET B 210 5.89 0.50 -20.90
CA MET B 210 5.64 -0.42 -19.81
C MET B 210 6.84 -1.34 -19.57
N ALA B 211 7.10 -1.63 -18.30
CA ALA B 211 8.12 -2.59 -17.92
C ALA B 211 7.61 -4.00 -18.18
N PRO B 212 8.50 -4.99 -18.47
CA PRO B 212 8.07 -6.35 -18.78
C PRO B 212 7.16 -7.00 -17.74
N GLU B 213 7.50 -6.84 -16.46
CA GLU B 213 6.74 -7.44 -15.39
C GLU B 213 5.34 -6.81 -15.31
N ALA B 214 5.24 -5.53 -15.69
CA ALA B 214 3.95 -4.85 -15.77
C ALA B 214 3.18 -5.34 -17.01
N LEU B 215 3.90 -5.46 -18.13
CA LEU B 215 3.31 -5.78 -19.41
C LEU B 215 2.84 -7.23 -19.44
N PHE B 216 3.60 -8.14 -18.83
CA PHE B 216 3.28 -9.57 -18.85
C PHE B 216 2.51 -9.96 -17.60
N ASP B 217 3.09 -9.67 -16.42
CA ASP B 217 2.60 -10.19 -15.16
C ASP B 217 1.70 -9.19 -14.44
N ARG B 218 1.48 -8.01 -15.04
CA ARG B 218 0.64 -6.97 -14.48
C ARG B 218 1.14 -6.53 -13.10
N ILE B 219 2.46 -6.58 -12.88
CA ILE B 219 3.06 -6.15 -11.64
C ILE B 219 3.56 -4.72 -11.82
N TYR B 220 3.03 -3.81 -10.99
CA TYR B 220 3.42 -2.41 -11.00
C TYR B 220 4.10 -2.05 -9.68
N THR B 221 5.35 -1.57 -9.78
CA THR B 221 6.10 -1.09 -8.64
C THR B 221 6.70 0.26 -9.02
N HIS B 222 7.44 0.87 -8.08
CA HIS B 222 8.19 2.07 -8.38
C HIS B 222 9.29 1.73 -9.39
N GLN B 223 9.80 0.50 -9.30
CA GLN B 223 10.84 0.00 -10.20
C GLN B 223 10.31 -0.07 -11.63
N SER B 224 9.01 -0.34 -11.79
CA SER B 224 8.39 -0.37 -13.11
C SER B 224 8.28 1.04 -13.70
N ASP B 225 8.18 2.05 -12.82
CA ASP B 225 8.21 3.44 -13.22
C ASP B 225 9.62 3.84 -13.67
N VAL B 226 10.64 3.19 -13.10
CA VAL B 226 12.03 3.46 -13.44
C VAL B 226 12.30 3.00 -14.87
N TRP B 227 11.74 1.85 -15.25
CA TRP B 227 11.79 1.38 -16.62
C TRP B 227 11.21 2.45 -17.55
N SER B 228 10.00 2.93 -17.21
CA SER B 228 9.30 3.91 -18.00
C SER B 228 10.10 5.21 -18.08
N PHE B 229 10.77 5.56 -16.98
CA PHE B 229 11.66 6.72 -16.94
C PHE B 229 12.82 6.51 -17.90
N GLY B 230 13.26 5.25 -18.07
CA GLY B 230 14.28 4.90 -19.04
C GLY B 230 13.88 5.31 -20.46
N VAL B 231 12.61 5.05 -20.82
CA VAL B 231 12.09 5.42 -22.12
C VAL B 231 12.01 6.94 -22.21
N LEU B 232 11.60 7.58 -21.10
CA LEU B 232 11.46 9.03 -21.04
C LEU B 232 12.80 9.69 -21.31
N LEU B 233 13.88 9.11 -20.76
CA LEU B 233 15.23 9.57 -21.06
C LEU B 233 15.47 9.53 -22.56
N TRP B 234 15.22 8.35 -23.15
CA TRP B 234 15.37 8.15 -24.59
C TRP B 234 14.55 9.19 -25.36
N GLU B 235 13.32 9.43 -24.89
CA GLU B 235 12.44 10.44 -25.46
C GLU B 235 13.12 11.81 -25.44
N ILE B 236 13.78 12.14 -24.31
CA ILE B 236 14.39 13.45 -24.13
C ILE B 236 15.51 13.65 -25.14
N PHE B 237 16.45 12.69 -25.21
CA PHE B 237 17.67 12.88 -25.98
C PHE B 237 17.45 12.55 -27.45
N THR B 238 16.20 12.24 -27.82
CA THR B 238 15.79 12.21 -29.23
C THR B 238 14.89 13.40 -29.53
N LEU B 239 14.83 14.37 -28.59
CA LEU B 239 14.00 15.55 -28.71
C LEU B 239 12.58 15.17 -29.11
N GLY B 240 12.01 14.22 -28.37
CA GLY B 240 10.62 13.80 -28.56
C GLY B 240 10.49 12.74 -29.64
N GLY B 241 11.52 11.89 -29.78
CA GLY B 241 11.46 10.77 -30.68
C GLY B 241 10.38 9.77 -30.25
N SER B 242 9.87 9.02 -31.23
CA SER B 242 8.83 8.02 -31.01
C SER B 242 9.49 6.65 -30.84
N PRO B 243 9.24 5.92 -29.73
CA PRO B 243 9.85 4.59 -29.53
C PRO B 243 9.25 3.55 -30.47
N TYR B 244 10.10 2.63 -30.95
CA TYR B 244 9.69 1.48 -31.73
C TYR B 244 8.67 1.88 -32.80
N PRO B 245 9.02 2.80 -33.73
CA PRO B 245 8.08 3.24 -34.75
C PRO B 245 7.69 2.08 -35.66
N GLY B 246 6.38 1.92 -35.87
CA GLY B 246 5.86 0.93 -36.80
C GLY B 246 5.80 -0.48 -36.20
N VAL B 247 6.02 -0.59 -34.88
CA VAL B 247 6.04 -1.87 -34.19
C VAL B 247 4.69 -2.06 -33.51
N PRO B 248 3.88 -3.09 -33.90
CA PRO B 248 2.65 -3.40 -33.19
C PRO B 248 2.92 -4.13 -31.88
N VAL B 249 1.84 -4.44 -31.14
CA VAL B 249 1.94 -4.88 -29.76
C VAL B 249 2.54 -6.29 -29.71
N GLU B 250 2.07 -7.17 -30.60
CA GLU B 250 2.54 -8.54 -30.64
C GLU B 250 4.05 -8.56 -30.86
N GLU B 251 4.53 -7.69 -31.76
CA GLU B 251 5.94 -7.61 -32.08
C GLU B 251 6.72 -7.00 -30.92
N LEU B 252 6.08 -6.12 -30.15
CA LEU B 252 6.71 -5.52 -28.98
C LEU B 252 7.00 -6.60 -27.94
N PHE B 253 6.05 -7.53 -27.74
CA PHE B 253 6.23 -8.64 -26.82
C PHE B 253 7.43 -9.47 -27.28
N LYS B 254 7.53 -9.68 -28.60
CA LYS B 254 8.61 -10.45 -29.20
C LYS B 254 9.95 -9.84 -28.81
N LEU B 255 10.12 -8.54 -29.03
CA LEU B 255 11.39 -7.85 -28.81
C LEU B 255 11.79 -7.94 -27.33
N LEU B 256 10.83 -7.70 -26.43
CA LEU B 256 11.10 -7.70 -25.00
C LEU B 256 11.51 -9.10 -24.54
N LYS B 257 10.81 -10.12 -25.01
CA LYS B 257 11.13 -11.51 -24.67
C LYS B 257 12.53 -11.85 -25.18
N GLU B 258 12.90 -11.31 -26.36
CA GLU B 258 14.22 -11.52 -26.92
C GLU B 258 15.26 -10.68 -26.17
N GLY B 259 14.81 -9.80 -25.28
CA GLY B 259 15.70 -8.99 -24.47
C GLY B 259 16.26 -7.81 -25.26
N HIS B 260 15.54 -7.38 -26.29
CA HIS B 260 16.00 -6.32 -27.16
C HIS B 260 15.90 -4.99 -26.41
N ARG B 261 16.86 -4.10 -26.69
CA ARG B 261 16.92 -2.78 -26.07
C ARG B 261 17.13 -1.75 -27.18
N MET B 262 16.54 -0.57 -27.01
CA MET B 262 16.60 0.49 -28.01
C MET B 262 18.06 0.93 -28.17
N ASP B 263 18.39 1.38 -29.38
CA ASP B 263 19.71 1.86 -29.71
C ASP B 263 20.01 3.14 -28.95
N LYS B 264 21.32 3.37 -28.70
CA LYS B 264 21.78 4.63 -28.15
C LYS B 264 21.44 5.75 -29.12
N PRO B 265 20.68 6.80 -28.71
CA PRO B 265 20.39 7.94 -29.58
C PRO B 265 21.70 8.60 -30.02
N SER B 266 21.69 9.18 -31.23
CA SER B 266 22.74 10.11 -31.60
C SER B 266 22.62 11.33 -30.68
N ASN B 267 23.78 11.92 -30.36
CA ASN B 267 23.83 13.05 -29.45
C ASN B 267 23.34 12.61 -28.06
N CYS B 268 24.14 11.74 -27.43
CA CYS B 268 23.85 11.19 -26.13
C CYS B 268 25.08 10.44 -25.61
N THR B 269 25.55 10.78 -24.41
CA THR B 269 26.76 10.20 -23.87
C THR B 269 26.54 8.72 -23.57
N ASN B 270 27.65 7.99 -23.40
CA ASN B 270 27.61 6.59 -23.02
C ASN B 270 27.06 6.46 -21.62
N GLU B 271 27.43 7.40 -20.74
CA GLU B 271 27.00 7.39 -19.35
C GLU B 271 25.48 7.41 -19.27
N LEU B 272 24.86 8.28 -20.09
CA LEU B 272 23.41 8.43 -20.08
C LEU B 272 22.75 7.23 -20.72
N TYR B 273 23.41 6.64 -21.73
CA TYR B 273 22.89 5.42 -22.35
C TYR B 273 22.92 4.30 -21.32
N MET B 274 24.02 4.19 -20.56
CA MET B 274 24.15 3.20 -19.51
C MET B 274 22.98 3.36 -18.53
N MET B 275 22.65 4.61 -18.21
CA MET B 275 21.57 4.91 -17.28
C MET B 275 20.26 4.31 -17.79
N MET B 276 19.94 4.55 -19.07
CA MET B 276 18.75 3.98 -19.69
C MET B 276 18.78 2.47 -19.59
N ARG B 277 19.94 1.88 -19.93
CA ARG B 277 20.09 0.43 -19.93
C ARG B 277 19.88 -0.10 -18.52
N ASP B 278 20.44 0.60 -17.52
CA ASP B 278 20.24 0.28 -16.12
C ASP B 278 18.74 0.31 -15.79
N CYS B 279 18.05 1.36 -16.26
CA CYS B 279 16.61 1.49 -16.06
C CYS B 279 15.87 0.33 -16.72
N TRP B 280 16.40 -0.16 -17.85
CA TRP B 280 15.79 -1.26 -18.59
C TRP B 280 16.37 -2.61 -18.16
N HIS B 281 16.91 -2.70 -16.94
CA HIS B 281 17.42 -3.96 -16.45
C HIS B 281 16.24 -4.92 -16.31
N ALA B 282 16.40 -6.15 -16.83
CA ALA B 282 15.32 -7.12 -16.84
C ALA B 282 14.84 -7.38 -15.41
N VAL B 283 15.79 -7.51 -14.47
CA VAL B 283 15.48 -7.73 -13.07
C VAL B 283 15.16 -6.38 -12.42
N PRO B 284 13.90 -6.17 -11.93
CA PRO B 284 13.51 -4.90 -11.31
C PRO B 284 14.40 -4.41 -10.18
N SER B 285 14.87 -5.34 -9.34
CA SER B 285 15.66 -5.01 -8.16
C SER B 285 17.03 -4.44 -8.55
N GLN B 286 17.49 -4.78 -9.77
CA GLN B 286 18.78 -4.34 -10.26
C GLN B 286 18.68 -2.97 -10.95
N ARG B 287 17.47 -2.51 -11.24
CA ARG B 287 17.29 -1.16 -11.74
C ARG B 287 17.65 -0.19 -10.63
N PRO B 288 18.06 1.06 -10.96
CA PRO B 288 18.27 2.08 -9.94
C PRO B 288 16.93 2.57 -9.38
N THR B 289 16.96 3.13 -8.16
CA THR B 289 15.83 3.84 -7.60
C THR B 289 15.86 5.27 -8.12
N PHE B 290 14.73 5.97 -8.03
CA PHE B 290 14.68 7.38 -8.40
C PHE B 290 15.63 8.18 -7.51
N LYS B 291 15.73 7.78 -6.24
CA LYS B 291 16.66 8.38 -5.30
C LYS B 291 18.05 8.39 -5.92
N GLN B 292 18.46 7.23 -6.47
CA GLN B 292 19.76 7.09 -7.11
C GLN B 292 19.83 7.94 -8.38
N LEU B 293 18.75 7.91 -9.19
CA LEU B 293 18.72 8.62 -10.45
C LEU B 293 18.80 10.13 -10.23
N VAL B 294 18.26 10.61 -9.10
CA VAL B 294 18.29 12.02 -8.78
C VAL B 294 19.73 12.43 -8.44
N GLU B 295 20.43 11.57 -7.69
CA GLU B 295 21.80 11.83 -7.27
C GLU B 295 22.73 11.83 -8.48
N ASP B 296 22.53 10.88 -9.40
CA ASP B 296 23.38 10.73 -10.56
C ASP B 296 23.18 11.91 -11.51
N LEU B 297 21.91 12.29 -11.73
CA LEU B 297 21.59 13.35 -12.66
C LEU B 297 22.01 14.70 -12.08
N ASP B 298 21.95 14.83 -10.75
CA ASP B 298 22.47 16.00 -10.06
C ASP B 298 23.91 16.23 -10.47
N ARG B 299 24.73 15.18 -10.34
CA ARG B 299 26.15 15.21 -10.63
C ARG B 299 26.39 15.50 -12.11
N ILE B 300 25.58 14.89 -12.98
CA ILE B 300 25.76 14.97 -14.42
C ILE B 300 25.42 16.38 -14.91
N VAL B 301 24.32 16.96 -14.40
CA VAL B 301 23.90 18.29 -14.80
C VAL B 301 25.06 19.27 -14.60
N ALA B 302 25.68 19.21 -13.42
CA ALA B 302 26.75 20.14 -13.06
C ALA B 302 27.98 19.95 -13.93
N LEU B 303 28.11 18.77 -14.56
CA LEU B 303 29.27 18.45 -15.39
C LEU B 303 28.93 18.56 -16.87
N THR B 304 27.65 18.74 -17.21
CA THR B 304 27.24 18.90 -18.60
C THR B 304 27.32 20.39 -18.96
N SER B 305 27.92 20.68 -20.13
CA SER B 305 28.16 22.05 -20.55
C SER B 305 26.87 22.67 -21.08
N ASN B 306 26.82 24.01 -21.02
CA ASN B 306 25.71 24.81 -21.53
C ASN B 306 26.06 25.38 -22.89
N GLN B 307 27.22 24.99 -23.45
CA GLN B 307 27.67 25.39 -24.77
C GLN B 307 27.02 26.73 -25.19
#